data_2Z3P
#
_entry.id   2Z3P
#
_cell.length_a   115.679
_cell.length_b   129.200
_cell.length_c   38.797
_cell.angle_alpha   90.00
_cell.angle_beta   90.00
_cell.angle_gamma   90.00
#
_symmetry.space_group_name_H-M   'P 21 21 2'
#
loop_
_entity.id
_entity.type
_entity.pdbx_description
1 polymer 'Leucyl/phenylalanyl-tRNA-protein transferase'
2 non-polymer LEUCINE
3 non-polymer 'D(-)-TARTARIC ACID'
4 water water
#
_entity_poly.entity_id   1
_entity_poly.type   'polypeptide(L)'
_entity_poly.pdbx_seq_one_letter_code
;RLVQLSRHSIAFPSPEGALREPNGLLALGGDLSPARLLMAYQRGIFPWFSPGDPILWWSPDPRAVLWPESLHISRSMKRF
HKRSPYRVTMNYAFGQVIEGCASDREEGTWITRGVVEAYHRLHELGHAHSIEVWREDELVGGMYGVAQGTLFCGESMFSR
MENASKTALLVFCEEFIGHGGKLIDCQVLNDHTASLGACEIPRRDYLNYLNQMRLGRLPNNFWVPRCLFSPQE
;
_entity_poly.pdbx_strand_id   A,B
#
loop_
_chem_comp.id
_chem_comp.type
_chem_comp.name
_chem_comp.formula
TAR non-polymer 'D(-)-TARTARIC ACID' 'C4 H6 O6'
#
# COMPACT_ATOMS: atom_id res chain seq x y z
N ARG A 1 17.94 13.17 -35.56
CA ARG A 1 17.68 13.57 -34.17
C ARG A 1 16.97 12.40 -33.49
N LEU A 2 16.12 12.72 -32.50
CA LEU A 2 15.34 11.81 -31.63
C LEU A 2 15.37 10.31 -31.94
N VAL A 3 15.86 9.58 -30.94
CA VAL A 3 16.09 8.13 -30.93
C VAL A 3 14.96 7.15 -30.62
N GLN A 4 15.08 5.94 -31.18
CA GLN A 4 14.15 4.82 -30.99
C GLN A 4 14.88 3.97 -29.96
N LEU A 5 14.25 3.73 -28.82
CA LEU A 5 14.85 2.92 -27.77
C LEU A 5 14.71 1.47 -28.19
N SER A 6 15.37 0.57 -27.48
CA SER A 6 15.28 -0.84 -27.82
C SER A 6 15.02 -1.70 -26.59
N ARG A 7 14.22 -2.74 -26.77
CA ARG A 7 13.90 -3.67 -25.68
C ARG A 7 15.25 -4.22 -25.19
N HIS A 8 16.24 -4.09 -26.06
CA HIS A 8 17.60 -4.54 -25.80
C HIS A 8 18.23 -3.70 -24.68
N SER A 9 18.49 -2.42 -24.98
CA SER A 9 19.09 -1.52 -24.01
C SER A 9 18.09 -0.73 -23.18
N ILE A 10 18.49 -0.39 -21.96
CA ILE A 10 17.66 0.35 -21.02
C ILE A 10 18.25 1.75 -20.82
N ALA A 11 18.99 2.22 -21.82
CA ALA A 11 19.63 3.53 -21.74
C ALA A 11 18.88 4.63 -22.50
N PHE A 12 19.13 5.87 -22.09
CA PHE A 12 18.48 7.03 -22.71
C PHE A 12 19.48 8.03 -23.28
N PRO A 13 19.03 8.90 -24.20
CA PRO A 13 19.85 9.93 -24.82
C PRO A 13 19.86 11.19 -23.95
N SER A 14 20.85 12.05 -24.13
CA SER A 14 20.95 13.28 -23.35
C SER A 14 19.72 14.18 -23.48
N PRO A 15 19.01 14.42 -22.36
CA PRO A 15 17.81 15.25 -22.35
C PRO A 15 17.99 16.59 -23.05
N GLU A 16 19.21 17.14 -23.00
CA GLU A 16 19.47 18.44 -23.62
C GLU A 16 19.31 18.41 -25.15
N GLY A 17 19.32 17.22 -25.74
CA GLY A 17 19.15 17.11 -27.17
C GLY A 17 17.71 16.92 -27.63
N ALA A 18 16.75 17.18 -26.73
CA ALA A 18 15.33 17.03 -27.05
C ALA A 18 14.82 18.15 -27.93
N LEU A 19 13.63 17.96 -28.50
CA LEU A 19 13.01 18.97 -29.38
C LEU A 19 12.50 20.17 -28.61
N ARG A 20 12.27 21.27 -29.31
CA ARG A 20 11.74 22.48 -28.70
C ARG A 20 10.22 22.43 -28.78
N GLU A 21 9.72 22.07 -29.96
CA GLU A 21 8.27 21.99 -30.21
C GLU A 21 7.96 20.70 -30.99
N PRO A 22 7.24 19.74 -30.38
CA PRO A 22 6.67 19.70 -29.03
C PRO A 22 7.75 19.72 -27.93
N ASN A 23 7.56 20.60 -26.95
CA ASN A 23 8.53 20.79 -25.87
C ASN A 23 8.98 19.58 -25.06
N GLY A 24 10.21 19.13 -25.30
CA GLY A 24 10.75 18.02 -24.54
C GLY A 24 10.75 16.65 -25.20
N LEU A 25 10.12 16.53 -26.37
CA LEU A 25 10.09 15.24 -27.06
C LEU A 25 11.52 14.76 -27.29
N LEU A 26 11.89 13.70 -26.57
CA LEU A 26 13.23 13.15 -26.64
C LEU A 26 13.38 11.80 -27.34
N ALA A 27 12.50 10.86 -27.03
CA ALA A 27 12.60 9.53 -27.62
C ALA A 27 11.25 8.82 -27.66
N LEU A 28 11.22 7.67 -28.33
CA LEU A 28 10.01 6.88 -28.43
C LEU A 28 10.36 5.40 -28.50
N GLY A 29 9.43 4.56 -28.07
CA GLY A 29 9.68 3.13 -28.09
C GLY A 29 10.09 2.57 -26.75
N GLY A 30 10.69 1.39 -26.77
CA GLY A 30 11.11 0.73 -25.55
C GLY A 30 9.91 0.05 -24.93
N ASP A 31 9.83 0.10 -23.61
CA ASP A 31 8.72 -0.49 -22.87
C ASP A 31 8.57 0.30 -21.59
N LEU A 32 7.68 -0.16 -20.71
CA LEU A 32 7.45 0.53 -19.45
C LEU A 32 7.88 -0.35 -18.30
N SER A 33 8.97 -1.10 -18.52
CA SER A 33 9.50 -1.97 -17.49
C SER A 33 10.06 -1.14 -16.33
N PRO A 34 10.01 -1.68 -15.11
CA PRO A 34 10.53 -0.98 -13.92
C PRO A 34 11.89 -0.37 -14.19
N ALA A 35 12.83 -1.21 -14.58
CA ALA A 35 14.20 -0.80 -14.86
C ALA A 35 14.26 0.44 -15.74
N ARG A 36 13.61 0.39 -16.89
CA ARG A 36 13.61 1.51 -17.83
C ARG A 36 12.89 2.76 -17.28
N LEU A 37 11.73 2.57 -16.65
CA LEU A 37 11.00 3.69 -16.07
C LEU A 37 11.84 4.39 -15.02
N LEU A 38 12.34 3.59 -14.09
CA LEU A 38 13.16 4.09 -13.00
C LEU A 38 14.38 4.83 -13.54
N MET A 39 14.87 4.38 -14.70
CA MET A 39 16.02 5.01 -15.33
C MET A 39 15.65 6.37 -15.92
N ALA A 40 14.48 6.45 -16.54
CA ALA A 40 14.04 7.71 -17.13
C ALA A 40 13.98 8.80 -16.06
N TYR A 41 13.33 8.48 -14.94
CA TYR A 41 13.21 9.43 -13.85
C TYR A 41 14.59 9.87 -13.38
N GLN A 42 15.51 8.92 -13.25
CA GLN A 42 16.87 9.24 -12.84
C GLN A 42 17.47 10.31 -13.73
N ARG A 43 17.19 10.21 -15.02
CA ARG A 43 17.69 11.14 -16.02
C ARG A 43 16.79 12.35 -16.29
N GLY A 44 15.69 12.48 -15.55
CA GLY A 44 14.81 13.62 -15.78
C GLY A 44 13.97 13.49 -17.03
N ILE A 45 13.63 12.25 -17.38
CA ILE A 45 12.81 11.96 -18.55
C ILE A 45 11.56 11.29 -18.02
N PHE A 46 10.42 11.53 -18.66
CA PHE A 46 9.22 10.84 -18.21
C PHE A 46 8.41 10.45 -19.42
N PRO A 47 7.62 9.37 -19.29
CA PRO A 47 6.77 8.87 -20.36
C PRO A 47 5.40 9.54 -20.38
N TRP A 48 4.90 9.81 -21.57
CA TRP A 48 3.60 10.41 -21.77
C TRP A 48 3.22 10.23 -23.24
N PHE A 49 2.07 9.64 -23.49
CA PHE A 49 1.61 9.40 -24.87
C PHE A 49 0.14 9.01 -24.84
N SER A 50 -0.57 9.33 -25.90
CA SER A 50 -1.98 9.02 -25.97
C SER A 50 -2.21 7.58 -26.40
N PRO A 51 -3.37 7.03 -26.01
CA PRO A 51 -3.69 5.65 -26.37
C PRO A 51 -3.60 5.50 -27.87
N GLY A 52 -2.97 4.42 -28.32
CA GLY A 52 -2.82 4.20 -29.74
C GLY A 52 -1.48 4.61 -30.30
N ASP A 53 -0.81 5.55 -29.63
CA ASP A 53 0.50 6.03 -30.09
C ASP A 53 1.64 5.21 -29.48
N PRO A 54 2.85 5.33 -30.05
CA PRO A 54 3.98 4.59 -29.50
C PRO A 54 4.45 5.29 -28.21
N ILE A 55 5.15 4.59 -27.33
CA ILE A 55 5.63 5.22 -26.10
C ILE A 55 6.41 6.48 -26.45
N LEU A 56 6.14 7.57 -25.73
CA LEU A 56 6.87 8.80 -25.97
C LEU A 56 7.55 9.23 -24.67
N TRP A 57 8.80 9.65 -24.76
CA TRP A 57 9.57 10.06 -23.59
C TRP A 57 9.86 11.56 -23.64
N TRP A 58 9.74 12.22 -22.49
CA TRP A 58 9.91 13.66 -22.45
C TRP A 58 10.78 14.25 -21.36
N SER A 59 11.34 15.42 -21.70
CA SER A 59 12.21 16.21 -20.81
C SER A 59 12.06 17.62 -21.33
N PRO A 60 11.03 18.34 -20.88
CA PRO A 60 10.81 19.71 -21.34
C PRO A 60 11.77 20.77 -20.80
N ASP A 61 11.82 21.89 -21.52
CA ASP A 61 12.65 23.03 -21.14
C ASP A 61 11.84 24.27 -21.50
N PRO A 62 11.41 25.05 -20.50
CA PRO A 62 11.66 24.81 -19.07
C PRO A 62 10.89 23.65 -18.49
N ARG A 63 11.18 23.34 -17.23
CA ARG A 63 10.52 22.27 -16.50
C ARG A 63 9.65 22.93 -15.43
N ALA A 64 8.49 22.35 -15.13
CA ALA A 64 7.61 22.93 -14.12
C ALA A 64 7.95 22.34 -12.77
N VAL A 65 8.08 23.17 -11.75
CA VAL A 65 8.43 22.65 -10.44
C VAL A 65 7.70 23.36 -9.30
N LEU A 66 7.72 22.73 -8.12
CA LEU A 66 7.05 23.32 -6.95
C LEU A 66 7.88 23.23 -5.68
N TRP A 67 8.35 24.39 -5.21
CA TRP A 67 9.10 24.44 -3.97
C TRP A 67 8.06 24.25 -2.87
N PRO A 68 8.13 23.12 -2.16
CA PRO A 68 7.20 22.78 -1.08
C PRO A 68 6.79 23.95 -0.17
N GLU A 69 7.77 24.68 0.35
CA GLU A 69 7.49 25.79 1.26
C GLU A 69 6.75 26.94 0.58
N SER A 70 6.88 27.04 -0.73
CA SER A 70 6.23 28.10 -1.46
C SER A 70 4.81 27.76 -1.89
N LEU A 71 4.29 26.63 -1.43
CA LEU A 71 2.93 26.24 -1.79
C LEU A 71 2.00 27.39 -1.42
N HIS A 72 1.16 27.82 -2.36
CA HIS A 72 0.25 28.91 -2.05
C HIS A 72 -1.12 28.40 -1.65
N ILE A 73 -1.56 28.81 -0.45
CA ILE A 73 -2.85 28.42 0.10
C ILE A 73 -3.67 29.68 0.34
N SER A 74 -4.81 29.80 -0.33
CA SER A 74 -5.67 30.96 -0.18
C SER A 74 -6.18 31.04 1.27
N ARG A 75 -6.70 32.21 1.63
CA ARG A 75 -7.22 32.44 2.98
C ARG A 75 -8.46 31.60 3.28
N SER A 76 -9.33 31.42 2.30
CA SER A 76 -10.54 30.63 2.49
C SER A 76 -10.20 29.14 2.52
N MET A 77 -9.10 28.76 1.87
CA MET A 77 -8.66 27.37 1.87
C MET A 77 -8.11 27.02 3.25
N LYS A 78 -7.49 28.01 3.91
CA LYS A 78 -6.95 27.79 5.24
C LYS A 78 -8.12 27.64 6.20
N ARG A 79 -9.14 28.47 6.02
CA ARG A 79 -10.31 28.39 6.88
C ARG A 79 -10.92 27.01 6.74
N PHE A 80 -10.98 26.54 5.52
CA PHE A 80 -11.52 25.23 5.21
C PHE A 80 -10.73 24.13 5.94
N HIS A 81 -9.44 24.04 5.63
CA HIS A 81 -8.58 23.03 6.23
C HIS A 81 -8.58 23.06 7.76
N LYS A 82 -8.70 24.27 8.31
CA LYS A 82 -8.73 24.45 9.76
C LYS A 82 -9.85 23.59 10.35
N ARG A 83 -10.98 23.52 9.65
CA ARG A 83 -12.14 22.72 10.06
C ARG A 83 -12.41 21.62 9.03
N SER A 84 -11.35 21.15 8.38
CA SER A 84 -11.42 20.12 7.34
C SER A 84 -12.32 18.91 7.58
N PRO A 85 -13.06 18.50 6.54
CA PRO A 85 -13.98 17.36 6.53
C PRO A 85 -13.29 16.16 5.88
N TYR A 86 -12.00 16.31 5.60
CA TYR A 86 -11.24 15.25 4.94
C TYR A 86 -10.20 14.57 5.79
N ARG A 87 -9.86 13.36 5.38
CA ARG A 87 -8.86 12.56 6.04
C ARG A 87 -7.80 12.33 4.94
N VAL A 88 -6.53 12.38 5.30
CA VAL A 88 -5.49 12.16 4.32
C VAL A 88 -4.61 11.01 4.76
N THR A 89 -4.28 10.12 3.83
CA THR A 89 -3.44 8.97 4.14
C THR A 89 -2.35 8.85 3.10
N MET A 90 -1.35 8.03 3.40
CA MET A 90 -0.24 7.79 2.48
C MET A 90 -0.24 6.31 2.12
N ASN A 91 -0.14 6.04 0.82
CA ASN A 91 -0.10 4.68 0.30
C ASN A 91 -1.16 3.70 0.79
N TYR A 92 -2.37 4.18 1.05
CA TYR A 92 -3.45 3.31 1.49
C TYR A 92 -4.05 2.65 0.25
N ALA A 93 -4.12 3.39 -0.85
CA ALA A 93 -4.72 2.85 -2.06
C ALA A 93 -4.18 3.42 -3.37
N PHE A 94 -2.94 3.10 -3.68
CA PHE A 94 -2.29 3.58 -4.90
C PHE A 94 -3.13 3.29 -6.14
N GLY A 95 -3.61 2.05 -6.26
CA GLY A 95 -4.41 1.64 -7.41
C GLY A 95 -5.64 2.51 -7.62
N GLN A 96 -6.32 2.86 -6.53
CA GLN A 96 -7.51 3.69 -6.62
C GLN A 96 -7.18 5.14 -6.99
N VAL A 97 -6.07 5.65 -6.49
CA VAL A 97 -5.68 7.00 -6.80
C VAL A 97 -5.37 7.11 -8.29
N ILE A 98 -4.53 6.19 -8.77
CA ILE A 98 -4.11 6.17 -10.17
C ILE A 98 -5.33 5.98 -11.09
N GLU A 99 -6.24 5.10 -10.70
CA GLU A 99 -7.45 4.89 -11.50
C GLU A 99 -8.30 6.17 -11.44
N GLY A 100 -8.21 6.89 -10.33
CA GLY A 100 -8.95 8.13 -10.16
C GLY A 100 -8.45 9.20 -11.11
N CYS A 101 -7.14 9.20 -11.35
CA CYS A 101 -6.55 10.18 -12.25
C CYS A 101 -6.86 9.75 -13.68
N ALA A 102 -6.85 8.44 -13.93
CA ALA A 102 -7.15 7.93 -15.26
C ALA A 102 -8.57 8.26 -15.68
N SER A 103 -9.47 8.37 -14.70
CA SER A 103 -10.86 8.65 -15.00
C SER A 103 -11.16 10.12 -15.24
N ASP A 104 -10.18 10.97 -15.00
CA ASP A 104 -10.33 12.41 -15.17
C ASP A 104 -11.03 12.77 -16.49
N ARG A 105 -10.77 11.97 -17.52
CA ARG A 105 -11.35 12.17 -18.85
C ARG A 105 -10.93 13.45 -19.57
N GLU A 106 -9.99 14.18 -19.00
CA GLU A 106 -9.50 15.40 -19.66
C GLU A 106 -8.17 15.02 -20.31
N GLU A 107 -7.17 14.71 -19.50
CA GLU A 107 -5.87 14.28 -20.01
C GLU A 107 -5.36 13.09 -19.21
N GLY A 108 -6.22 12.57 -18.33
CA GLY A 108 -5.86 11.41 -17.56
C GLY A 108 -6.15 10.26 -18.49
N THR A 109 -6.64 10.63 -19.67
CA THR A 109 -6.99 9.67 -20.70
C THR A 109 -5.76 8.96 -21.27
N TRP A 110 -4.56 9.46 -20.98
CA TRP A 110 -3.36 8.81 -21.50
C TRP A 110 -3.05 7.59 -20.62
N ILE A 111 -3.59 7.61 -19.40
CA ILE A 111 -3.37 6.53 -18.46
C ILE A 111 -4.13 5.28 -18.88
N THR A 112 -3.46 4.42 -19.63
CA THR A 112 -4.05 3.17 -20.10
C THR A 112 -3.76 2.02 -19.14
N ARG A 113 -4.39 0.87 -19.38
CA ARG A 113 -4.18 -0.30 -18.54
C ARG A 113 -2.67 -0.51 -18.40
N GLY A 114 -1.97 -0.40 -19.53
CA GLY A 114 -0.53 -0.58 -19.54
C GLY A 114 0.22 0.38 -18.64
N VAL A 115 -0.12 1.67 -18.73
CA VAL A 115 0.53 2.68 -17.89
C VAL A 115 0.25 2.41 -16.41
N VAL A 116 -0.99 2.01 -16.12
CA VAL A 116 -1.41 1.72 -14.75
C VAL A 116 -0.62 0.55 -14.16
N GLU A 117 -0.43 -0.49 -14.97
CA GLU A 117 0.31 -1.65 -14.49
C GLU A 117 1.77 -1.29 -14.27
N ALA A 118 2.30 -0.49 -15.18
CA ALA A 118 3.69 -0.07 -15.10
C ALA A 118 3.94 0.71 -13.81
N TYR A 119 3.02 1.61 -13.44
CA TYR A 119 3.24 2.37 -12.22
C TYR A 119 2.88 1.56 -10.99
N HIS A 120 2.08 0.51 -11.19
CA HIS A 120 1.70 -0.34 -10.08
C HIS A 120 2.93 -1.13 -9.66
N ARG A 121 3.75 -1.53 -10.64
CA ARG A 121 4.97 -2.27 -10.35
C ARG A 121 5.93 -1.41 -9.51
N LEU A 122 6.08 -0.13 -9.90
CA LEU A 122 6.96 0.76 -9.16
C LEU A 122 6.46 0.95 -7.74
N HIS A 123 5.15 0.81 -7.55
CA HIS A 123 4.57 0.95 -6.23
C HIS A 123 4.89 -0.33 -5.46
N GLU A 124 4.68 -1.48 -6.11
CA GLU A 124 4.99 -2.76 -5.48
C GLU A 124 6.45 -2.72 -5.04
N LEU A 125 7.32 -2.21 -5.92
CA LEU A 125 8.75 -2.12 -5.64
C LEU A 125 9.14 -1.01 -4.67
N GLY A 126 8.21 -0.13 -4.33
CA GLY A 126 8.54 0.92 -3.38
C GLY A 126 9.08 2.24 -3.92
N HIS A 127 8.93 2.49 -5.22
CA HIS A 127 9.40 3.74 -5.82
C HIS A 127 8.26 4.71 -6.11
N ALA A 128 7.06 4.18 -6.35
CA ALA A 128 5.89 5.00 -6.63
C ALA A 128 4.98 5.04 -5.40
N HIS A 129 4.53 6.23 -5.04
CA HIS A 129 3.71 6.39 -3.86
C HIS A 129 2.47 7.22 -4.14
N SER A 130 1.49 7.11 -3.26
CA SER A 130 0.27 7.87 -3.44
C SER A 130 -0.21 8.54 -2.15
N ILE A 131 -0.96 9.63 -2.30
CA ILE A 131 -1.53 10.33 -1.16
C ILE A 131 -3.02 10.32 -1.42
N GLU A 132 -3.79 9.77 -0.47
CA GLU A 132 -5.24 9.68 -0.61
C GLU A 132 -5.98 10.69 0.24
N VAL A 133 -7.14 11.11 -0.24
CA VAL A 133 -7.96 12.05 0.48
C VAL A 133 -9.31 11.38 0.64
N TRP A 134 -9.73 11.18 1.89
CA TRP A 134 -11.01 10.55 2.14
C TRP A 134 -12.03 11.49 2.74
N ARG A 135 -13.27 11.32 2.30
CA ARG A 135 -14.37 12.08 2.85
C ARG A 135 -15.22 10.93 3.41
N GLU A 136 -15.31 10.84 4.74
CA GLU A 136 -16.06 9.77 5.38
C GLU A 136 -15.38 8.48 4.88
N ASP A 137 -16.14 7.62 4.21
CA ASP A 137 -15.64 6.33 3.70
C ASP A 137 -15.34 6.33 2.21
N GLU A 138 -15.48 7.49 1.58
CA GLU A 138 -15.28 7.63 0.14
C GLU A 138 -13.96 8.30 -0.23
N LEU A 139 -13.30 7.76 -1.26
CA LEU A 139 -12.06 8.34 -1.76
C LEU A 139 -12.48 9.53 -2.63
N VAL A 140 -12.12 10.75 -2.24
CA VAL A 140 -12.56 11.89 -3.02
C VAL A 140 -11.45 12.65 -3.70
N GLY A 141 -10.24 12.11 -3.66
CA GLY A 141 -9.11 12.75 -4.31
C GLY A 141 -7.77 12.15 -3.96
N GLY A 142 -6.71 12.79 -4.42
CA GLY A 142 -5.38 12.30 -4.13
C GLY A 142 -4.42 12.64 -5.24
N MET A 143 -3.23 12.06 -5.16
CA MET A 143 -2.20 12.26 -6.15
C MET A 143 -1.18 11.12 -6.00
N TYR A 144 -0.42 10.86 -7.06
CA TYR A 144 0.57 9.81 -6.98
C TYR A 144 1.80 10.25 -7.76
N GLY A 145 2.95 9.68 -7.41
CA GLY A 145 4.17 10.03 -8.11
C GLY A 145 5.34 9.10 -7.83
N VAL A 146 6.49 9.46 -8.39
CA VAL A 146 7.68 8.65 -8.19
C VAL A 146 8.66 9.41 -7.32
N ALA A 147 9.11 8.78 -6.25
CA ALA A 147 10.06 9.40 -5.33
C ALA A 147 11.45 9.26 -5.87
N GLN A 148 12.22 10.33 -5.72
CA GLN A 148 13.59 10.37 -6.19
C GLN A 148 14.42 11.04 -5.09
N GLY A 149 14.59 10.34 -3.97
CA GLY A 149 15.38 10.89 -2.89
C GLY A 149 14.61 11.97 -2.13
N THR A 150 15.12 13.20 -2.16
CA THR A 150 14.46 14.29 -1.48
C THR A 150 13.68 15.06 -2.53
N LEU A 151 13.64 14.49 -3.74
CA LEU A 151 12.89 15.06 -4.84
C LEU A 151 11.68 14.15 -5.04
N PHE A 152 10.54 14.75 -5.38
CA PHE A 152 9.34 13.95 -5.65
C PHE A 152 8.73 14.40 -6.96
N CYS A 153 8.52 13.44 -7.86
CA CYS A 153 7.93 13.73 -9.14
C CYS A 153 6.43 13.44 -9.05
N GLY A 154 5.65 14.52 -9.02
CA GLY A 154 4.22 14.37 -8.93
C GLY A 154 3.72 14.05 -10.30
N GLU A 155 3.14 12.86 -10.47
CA GLU A 155 2.63 12.44 -11.77
C GLU A 155 1.30 13.06 -12.10
N SER A 156 0.37 13.00 -11.16
CA SER A 156 -0.96 13.56 -11.38
C SER A 156 -1.77 13.61 -10.10
N MET A 157 -2.93 14.26 -10.16
CA MET A 157 -3.82 14.34 -9.01
C MET A 157 -5.25 14.47 -9.49
N PHE A 158 -6.21 14.23 -8.61
CA PHE A 158 -7.61 14.28 -8.99
C PHE A 158 -8.52 14.67 -7.84
N SER A 159 -9.70 15.19 -8.19
CA SER A 159 -10.64 15.64 -7.18
C SER A 159 -12.06 15.28 -7.53
N ARG A 160 -12.77 14.74 -6.55
CA ARG A 160 -14.17 14.37 -6.73
C ARG A 160 -15.02 15.20 -5.77
N MET A 161 -14.35 16.04 -4.98
CA MET A 161 -15.03 16.90 -4.02
C MET A 161 -14.21 18.17 -3.82
N GLU A 162 -14.90 19.29 -3.59
CA GLU A 162 -14.26 20.60 -3.43
C GLU A 162 -13.07 20.63 -2.47
N ASN A 163 -11.97 21.21 -2.94
CA ASN A 163 -10.75 21.33 -2.17
C ASN A 163 -10.06 20.01 -1.83
N ALA A 164 -10.50 18.90 -2.41
CA ALA A 164 -9.88 17.63 -2.09
C ALA A 164 -8.39 17.53 -2.47
N SER A 165 -8.06 17.78 -3.74
CA SER A 165 -6.65 17.68 -4.15
C SER A 165 -5.77 18.78 -3.54
N LYS A 166 -6.38 19.89 -3.15
CA LYS A 166 -5.60 20.94 -2.53
C LYS A 166 -5.17 20.47 -1.16
N THR A 167 -6.07 19.83 -0.42
CA THR A 167 -5.68 19.37 0.91
C THR A 167 -4.71 18.20 0.79
N ALA A 168 -4.77 17.46 -0.31
CA ALA A 168 -3.85 16.35 -0.53
C ALA A 168 -2.45 16.90 -0.64
N LEU A 169 -2.28 17.89 -1.52
CA LEU A 169 -0.99 18.51 -1.71
C LEU A 169 -0.56 19.34 -0.49
N LEU A 170 -1.50 19.99 0.19
CA LEU A 170 -1.16 20.78 1.36
C LEU A 170 -0.60 19.88 2.46
N VAL A 171 -1.35 18.85 2.80
CA VAL A 171 -0.91 17.92 3.82
C VAL A 171 0.42 17.25 3.43
N PHE A 172 0.56 16.85 2.15
CA PHE A 172 1.78 16.21 1.69
C PHE A 172 2.97 17.12 1.88
N CYS A 173 2.84 18.36 1.39
CA CYS A 173 3.92 19.34 1.51
C CYS A 173 4.40 19.50 2.95
N GLU A 174 3.48 19.57 3.90
CA GLU A 174 3.88 19.70 5.29
C GLU A 174 4.68 18.48 5.73
N GLU A 175 4.19 17.30 5.36
CA GLU A 175 4.86 16.06 5.71
C GLU A 175 6.24 16.02 5.06
N PHE A 176 6.24 16.28 3.77
CA PHE A 176 7.44 16.27 2.94
C PHE A 176 8.51 17.27 3.44
N ILE A 177 8.09 18.50 3.71
CA ILE A 177 8.99 19.54 4.19
C ILE A 177 9.59 19.15 5.54
N GLY A 178 8.75 18.63 6.42
CA GLY A 178 9.17 18.23 7.74
C GLY A 178 10.27 17.19 7.82
N HIS A 179 10.34 16.30 6.85
CA HIS A 179 11.35 15.25 6.89
C HIS A 179 12.46 15.31 5.86
N GLY A 180 12.71 16.49 5.28
CA GLY A 180 13.78 16.60 4.31
C GLY A 180 13.42 16.82 2.86
N GLY A 181 12.12 16.80 2.54
CA GLY A 181 11.70 17.03 1.17
C GLY A 181 12.20 18.37 0.67
N LYS A 182 12.75 18.38 -0.55
CA LYS A 182 13.32 19.58 -1.15
C LYS A 182 12.57 20.13 -2.37
N LEU A 183 12.11 19.24 -3.25
CA LEU A 183 11.43 19.71 -4.45
C LEU A 183 10.38 18.78 -5.01
N ILE A 184 9.35 19.36 -5.61
CA ILE A 184 8.30 18.60 -6.25
C ILE A 184 8.37 18.89 -7.73
N ASP A 185 8.48 17.86 -8.55
CA ASP A 185 8.52 18.08 -9.99
C ASP A 185 7.08 18.04 -10.48
N CYS A 186 6.72 18.99 -11.36
CA CYS A 186 5.37 19.04 -11.91
C CYS A 186 5.32 18.86 -13.41
N GLN A 187 6.49 18.66 -14.02
CA GLN A 187 6.63 18.46 -15.48
C GLN A 187 6.26 19.68 -16.31
N VAL A 188 4.97 19.85 -16.58
CA VAL A 188 4.50 20.98 -17.37
C VAL A 188 3.47 21.81 -16.63
N LEU A 189 3.75 23.08 -16.47
CA LEU A 189 2.88 24.00 -15.76
C LEU A 189 1.47 24.08 -16.39
N ASN A 190 0.46 24.27 -15.54
CA ASN A 190 -0.92 24.41 -15.99
C ASN A 190 -1.66 25.27 -14.96
N ASP A 191 -2.54 26.14 -15.44
CA ASP A 191 -3.29 27.06 -14.58
C ASP A 191 -3.46 26.64 -13.12
N HIS A 192 -3.96 25.44 -12.87
CA HIS A 192 -4.16 24.99 -11.49
C HIS A 192 -2.84 24.88 -10.73
N THR A 193 -1.88 24.16 -11.31
CA THR A 193 -0.59 23.98 -10.65
C THR A 193 0.08 25.35 -10.44
N ALA A 194 -0.15 26.27 -11.37
CA ALA A 194 0.42 27.60 -11.26
C ALA A 194 -0.21 28.38 -10.09
N SER A 195 -1.52 28.22 -9.88
CA SER A 195 -2.18 28.92 -8.80
C SER A 195 -1.71 28.38 -7.45
N LEU A 196 -1.21 27.14 -7.46
CA LEU A 196 -0.72 26.51 -6.23
C LEU A 196 0.70 26.92 -5.90
N GLY A 197 1.29 27.75 -6.75
CA GLY A 197 2.63 28.21 -6.51
C GLY A 197 3.72 27.52 -7.30
N ALA A 198 3.35 26.69 -8.27
CA ALA A 198 4.35 26.00 -9.07
C ALA A 198 4.94 27.05 -10.01
N CYS A 199 6.18 26.83 -10.46
CA CYS A 199 6.84 27.78 -11.34
C CYS A 199 7.72 27.05 -12.34
N GLU A 200 8.36 27.81 -13.22
CA GLU A 200 9.22 27.21 -14.23
C GLU A 200 10.70 27.53 -14.07
N ILE A 201 11.54 26.52 -14.21
CA ILE A 201 12.98 26.72 -14.16
C ILE A 201 13.60 26.09 -15.42
N PRO A 202 14.83 26.48 -15.77
CA PRO A 202 15.47 25.90 -16.96
C PRO A 202 15.75 24.41 -16.76
N ARG A 203 15.61 23.63 -17.83
CA ARG A 203 15.84 22.20 -17.75
C ARG A 203 17.21 21.84 -17.17
N ARG A 204 18.26 22.55 -17.59
CA ARG A 204 19.59 22.22 -17.07
C ARG A 204 19.60 22.43 -15.56
N ASP A 205 18.84 23.41 -15.07
CA ASP A 205 18.75 23.64 -13.62
C ASP A 205 18.01 22.48 -12.92
N TYR A 206 16.87 22.09 -13.48
CA TYR A 206 16.09 20.99 -12.92
C TYR A 206 16.97 19.74 -12.85
N LEU A 207 17.62 19.41 -13.96
CA LEU A 207 18.49 18.24 -13.99
C LEU A 207 19.53 18.35 -12.88
N ASN A 208 20.10 19.54 -12.76
CA ASN A 208 21.09 19.84 -11.73
C ASN A 208 20.56 19.43 -10.34
N TYR A 209 19.36 19.90 -10.00
CA TYR A 209 18.74 19.57 -8.71
C TYR A 209 18.49 18.07 -8.61
N LEU A 210 17.91 17.53 -9.68
CA LEU A 210 17.61 16.11 -9.74
C LEU A 210 18.83 15.28 -9.35
N ASN A 211 19.95 15.55 -10.01
CA ASN A 211 21.18 14.82 -9.75
C ASN A 211 21.72 15.04 -8.35
N GLN A 212 21.25 16.10 -7.70
CA GLN A 212 21.69 16.41 -6.36
C GLN A 212 20.76 15.77 -5.34
N MET A 213 19.46 15.89 -5.57
CA MET A 213 18.45 15.35 -4.67
C MET A 213 18.22 13.84 -4.71
N ARG A 214 18.51 13.20 -5.85
CA ARG A 214 18.31 11.76 -5.94
C ARG A 214 19.26 11.05 -4.97
N LEU A 215 20.27 11.78 -4.51
CA LEU A 215 21.24 11.26 -3.55
C LEU A 215 20.73 11.52 -2.14
N GLY A 216 19.98 12.61 -1.99
CA GLY A 216 19.41 12.96 -0.70
C GLY A 216 18.59 11.80 -0.17
N ARG A 217 18.21 11.88 1.10
CA ARG A 217 17.44 10.79 1.70
C ARG A 217 16.42 11.26 2.73
N LEU A 218 15.29 10.57 2.78
CA LEU A 218 14.22 10.88 3.72
C LEU A 218 14.24 9.78 4.77
N PRO A 219 13.47 9.93 5.86
CA PRO A 219 13.49 8.88 6.88
C PRO A 219 13.23 7.52 6.24
N ASN A 220 13.91 6.51 6.75
CA ASN A 220 13.78 5.16 6.21
C ASN A 220 12.35 4.65 6.10
N ASN A 221 11.46 5.14 6.97
CA ASN A 221 10.07 4.68 6.94
C ASN A 221 9.07 5.74 6.50
N PHE A 222 9.56 6.80 5.85
CA PHE A 222 8.69 7.90 5.39
C PHE A 222 7.48 7.48 4.57
N TRP A 223 7.66 6.50 3.69
CA TRP A 223 6.60 6.03 2.82
C TRP A 223 5.71 4.85 3.25
N VAL A 224 5.98 4.24 4.40
CA VAL A 224 5.14 3.12 4.83
C VAL A 224 3.70 3.64 4.92
N PRO A 225 2.70 2.79 4.63
CA PRO A 225 1.31 3.25 4.70
C PRO A 225 0.94 3.78 6.07
N ARG A 226 0.27 4.92 6.10
CA ARG A 226 -0.14 5.55 7.35
C ARG A 226 -1.09 6.72 7.12
N CYS A 227 -1.67 7.21 8.22
CA CYS A 227 -2.58 8.34 8.18
C CYS A 227 -1.70 9.58 8.38
N LEU A 228 -1.94 10.63 7.58
CA LEU A 228 -1.17 11.87 7.70
C LEU A 228 -1.94 13.00 8.37
N PHE A 229 -3.26 12.97 8.24
CA PHE A 229 -4.11 14.01 8.78
C PHE A 229 -5.52 13.50 8.98
N SER A 230 -6.03 13.66 10.20
CA SER A 230 -7.38 13.23 10.52
C SER A 230 -8.30 14.42 10.75
N PRO A 231 -9.52 14.38 10.19
CA PRO A 231 -10.46 15.49 10.37
C PRO A 231 -10.86 15.61 11.83
N GLN A 232 -11.92 16.37 12.10
CA GLN A 232 -12.40 16.55 13.47
C GLN A 232 -13.88 16.18 13.55
N ARG B 1 -21.87 1.39 26.33
CA ARG B 1 -20.80 1.51 25.30
C ARG B 1 -21.25 1.06 23.91
N LEU B 2 -20.71 -0.08 23.48
CA LEU B 2 -20.97 -0.74 22.21
C LEU B 2 -21.50 0.25 21.18
N VAL B 3 -20.57 0.86 20.45
CA VAL B 3 -20.88 1.85 19.42
C VAL B 3 -21.41 1.27 18.11
N GLN B 4 -22.41 1.95 17.56
CA GLN B 4 -23.01 1.54 16.31
C GLN B 4 -22.46 2.45 15.21
N LEU B 5 -21.74 1.84 14.28
CA LEU B 5 -21.13 2.56 13.18
C LEU B 5 -22.13 2.99 12.09
N SER B 6 -21.60 3.73 11.11
CA SER B 6 -22.38 4.22 9.98
C SER B 6 -21.42 4.57 8.85
N ARG B 7 -21.98 4.87 7.67
CA ARG B 7 -21.21 5.22 6.48
C ARG B 7 -20.57 6.61 6.64
N HIS B 8 -21.15 7.41 7.52
CA HIS B 8 -20.66 8.77 7.75
C HIS B 8 -19.30 8.88 8.41
N SER B 9 -18.83 7.81 9.05
CA SER B 9 -17.53 7.87 9.70
C SER B 9 -16.80 6.54 9.68
N ILE B 10 -15.48 6.60 9.53
CA ILE B 10 -14.62 5.43 9.46
C ILE B 10 -13.82 5.27 10.75
N ALA B 11 -14.12 6.12 11.72
CA ALA B 11 -13.42 6.08 13.01
C ALA B 11 -14.14 5.16 14.00
N PHE B 12 -13.35 4.47 14.81
CA PHE B 12 -13.87 3.55 15.83
C PHE B 12 -13.66 4.12 17.22
N PRO B 13 -14.41 3.61 18.21
CA PRO B 13 -14.28 4.06 19.59
C PRO B 13 -12.98 3.45 20.12
N SER B 14 -12.56 3.82 21.31
CA SER B 14 -11.32 3.28 21.85
C SER B 14 -11.44 1.82 22.24
N PRO B 15 -10.43 1.01 21.89
CA PRO B 15 -10.40 -0.43 22.20
C PRO B 15 -10.66 -0.74 23.66
N GLU B 16 -10.24 0.15 24.55
CA GLU B 16 -10.43 -0.03 25.98
C GLU B 16 -11.89 -0.08 26.42
N GLY B 17 -12.78 0.37 25.55
CA GLY B 17 -14.19 0.34 25.86
C GLY B 17 -14.84 -0.99 25.53
N ALA B 18 -14.13 -1.85 24.81
CA ALA B 18 -14.67 -3.16 24.43
C ALA B 18 -15.28 -3.89 25.62
N LEU B 19 -16.27 -4.75 25.35
CA LEU B 19 -16.95 -5.52 26.40
C LEU B 19 -16.07 -6.64 26.94
N ARG B 20 -16.40 -7.13 28.13
CA ARG B 20 -15.63 -8.23 28.70
C ARG B 20 -16.23 -9.54 28.15
N GLU B 21 -17.56 -9.60 28.11
CA GLU B 21 -18.28 -10.77 27.61
C GLU B 21 -19.44 -10.37 26.69
N PRO B 22 -19.38 -10.74 25.39
CA PRO B 22 -18.30 -11.49 24.74
C PRO B 22 -16.99 -10.70 24.80
N ASN B 23 -15.86 -11.39 24.74
CA ASN B 23 -14.58 -10.73 24.88
C ASN B 23 -14.07 -9.85 23.75
N GLY B 24 -14.19 -8.55 23.93
CA GLY B 24 -13.67 -7.62 22.92
C GLY B 24 -14.66 -7.00 21.96
N LEU B 25 -15.94 -7.34 22.11
CA LEU B 25 -16.97 -6.78 21.24
C LEU B 25 -16.91 -5.28 21.41
N LEU B 26 -16.51 -4.58 20.36
CA LEU B 26 -16.39 -3.14 20.42
C LEU B 26 -17.37 -2.32 19.59
N ALA B 27 -17.73 -2.81 18.41
CA ALA B 27 -18.64 -2.07 17.54
C ALA B 27 -19.38 -2.95 16.57
N LEU B 28 -20.46 -2.42 16.00
CA LEU B 28 -21.22 -3.15 15.00
C LEU B 28 -21.75 -2.20 13.92
N GLY B 29 -21.81 -2.71 12.69
CA GLY B 29 -22.27 -1.89 11.58
C GLY B 29 -21.14 -1.43 10.69
N GLY B 30 -21.39 -0.38 9.90
CA GLY B 30 -20.38 0.14 9.00
C GLY B 30 -20.31 -0.73 7.75
N ASP B 31 -19.13 -0.84 7.18
CA ASP B 31 -18.96 -1.66 5.99
C ASP B 31 -17.55 -2.25 6.04
N LEU B 32 -17.19 -2.98 4.99
CA LEU B 32 -15.88 -3.59 4.90
C LEU B 32 -15.02 -2.88 3.86
N SER B 33 -15.26 -1.58 3.69
CA SER B 33 -14.51 -0.78 2.72
C SER B 33 -13.02 -0.78 3.08
N PRO B 34 -12.15 -0.68 2.07
CA PRO B 34 -10.70 -0.68 2.25
C PRO B 34 -10.23 0.27 3.35
N ALA B 35 -10.76 1.48 3.34
CA ALA B 35 -10.38 2.50 4.31
C ALA B 35 -10.80 2.16 5.74
N ARG B 36 -12.00 1.61 5.92
CA ARG B 36 -12.46 1.28 7.26
C ARG B 36 -11.72 0.09 7.85
N LEU B 37 -11.30 -0.84 7.01
CA LEU B 37 -10.57 -2.01 7.49
C LEU B 37 -9.18 -1.59 7.94
N LEU B 38 -8.53 -0.77 7.11
CA LEU B 38 -7.19 -0.28 7.43
C LEU B 38 -7.23 0.50 8.72
N MET B 39 -8.22 1.39 8.85
CA MET B 39 -8.35 2.15 10.07
C MET B 39 -8.45 1.18 11.25
N ALA B 40 -9.27 0.16 11.09
CA ALA B 40 -9.47 -0.84 12.13
C ALA B 40 -8.17 -1.53 12.52
N TYR B 41 -7.51 -2.17 11.55
CA TYR B 41 -6.25 -2.87 11.81
C TYR B 41 -5.22 -1.97 12.42
N GLN B 42 -5.26 -0.70 12.03
CA GLN B 42 -4.35 0.31 12.54
C GLN B 42 -4.58 0.56 14.03
N ARG B 43 -5.78 0.23 14.51
CA ARG B 43 -6.11 0.46 15.92
C ARG B 43 -6.35 -0.82 16.70
N GLY B 44 -5.89 -1.94 16.17
CA GLY B 44 -6.06 -3.21 16.87
C GLY B 44 -7.49 -3.74 16.88
N ILE B 45 -8.26 -3.38 15.87
CA ILE B 45 -9.65 -3.83 15.76
C ILE B 45 -9.77 -4.74 14.54
N PHE B 46 -10.67 -5.71 14.61
CA PHE B 46 -10.86 -6.59 13.47
C PHE B 46 -12.31 -7.06 13.36
N PRO B 47 -12.78 -7.28 12.13
CA PRO B 47 -14.15 -7.73 11.89
C PRO B 47 -14.28 -9.24 11.94
N TRP B 48 -15.37 -9.68 12.55
CA TRP B 48 -15.69 -11.10 12.65
C TRP B 48 -17.18 -11.15 13.02
N PHE B 49 -17.92 -11.99 12.32
CA PHE B 49 -19.36 -12.11 12.56
C PHE B 49 -19.90 -13.25 11.72
N SER B 50 -20.99 -13.86 12.16
CA SER B 50 -21.57 -14.97 11.42
C SER B 50 -22.51 -14.44 10.33
N PRO B 51 -22.60 -15.18 9.21
CA PRO B 51 -23.46 -14.79 8.08
C PRO B 51 -24.86 -14.53 8.56
N GLY B 52 -25.43 -13.41 8.14
CA GLY B 52 -26.78 -13.03 8.54
C GLY B 52 -26.79 -11.96 9.61
N ASP B 53 -25.67 -11.80 10.31
CA ASP B 53 -25.58 -10.81 11.37
C ASP B 53 -24.89 -9.54 10.91
N PRO B 54 -25.10 -8.44 11.62
CA PRO B 54 -24.43 -7.20 11.21
C PRO B 54 -22.93 -7.37 11.45
N ILE B 55 -22.13 -6.52 10.82
CA ILE B 55 -20.68 -6.57 10.99
C ILE B 55 -20.35 -6.27 12.44
N LEU B 56 -19.60 -7.18 13.08
CA LEU B 56 -19.18 -7.02 14.48
C LEU B 56 -17.66 -6.75 14.52
N TRP B 57 -17.24 -5.78 15.33
CA TRP B 57 -15.83 -5.41 15.43
C TRP B 57 -15.24 -5.72 16.79
N TRP B 58 -14.05 -6.31 16.82
CA TRP B 58 -13.44 -6.72 18.09
C TRP B 58 -12.02 -6.30 18.37
N SER B 59 -11.67 -6.42 19.65
CA SER B 59 -10.33 -6.12 20.14
C SER B 59 -10.32 -6.70 21.55
N PRO B 60 -10.25 -8.04 21.66
CA PRO B 60 -10.23 -8.77 22.94
C PRO B 60 -9.09 -8.49 23.91
N ASP B 61 -9.29 -8.95 25.14
CA ASP B 61 -8.33 -8.77 26.23
C ASP B 61 -8.42 -10.02 27.12
N PRO B 62 -7.36 -10.83 27.15
CA PRO B 62 -6.10 -10.68 26.43
C PRO B 62 -6.23 -10.91 24.92
N ARG B 63 -5.09 -10.76 24.24
CA ARG B 63 -4.97 -10.92 22.79
C ARG B 63 -4.03 -12.09 22.50
N ALA B 64 -4.45 -13.01 21.64
CA ALA B 64 -3.63 -14.15 21.28
C ALA B 64 -2.59 -13.70 20.27
N VAL B 65 -1.33 -14.01 20.52
CA VAL B 65 -0.27 -13.59 19.61
C VAL B 65 0.79 -14.67 19.43
N LEU B 66 1.67 -14.49 18.45
CA LEU B 66 2.72 -15.48 18.20
C LEU B 66 4.06 -14.87 17.82
N TRP B 67 5.05 -15.08 18.69
CA TRP B 67 6.39 -14.59 18.44
C TRP B 67 7.02 -15.57 17.44
N PRO B 68 7.28 -15.11 16.22
CA PRO B 68 7.87 -15.93 15.15
C PRO B 68 8.92 -16.92 15.63
N GLU B 69 9.92 -16.41 16.34
CA GLU B 69 11.00 -17.26 16.83
C GLU B 69 10.56 -18.33 17.83
N SER B 70 9.37 -18.16 18.41
CA SER B 70 8.84 -19.11 19.37
C SER B 70 7.96 -20.15 18.70
N LEU B 71 7.96 -20.18 17.37
CA LEU B 71 7.15 -21.16 16.67
C LEU B 71 7.60 -22.55 17.08
N HIS B 72 6.68 -23.37 17.54
CA HIS B 72 7.01 -24.73 17.98
C HIS B 72 6.76 -25.77 16.89
N ILE B 73 7.85 -26.38 16.42
CA ILE B 73 7.76 -27.40 15.39
C ILE B 73 8.14 -28.75 15.99
N SER B 74 7.24 -29.71 15.91
CA SER B 74 7.49 -31.05 16.45
C SER B 74 8.69 -31.67 15.76
N ARG B 75 9.36 -32.57 16.49
CA ARG B 75 10.53 -33.29 15.98
C ARG B 75 10.09 -34.02 14.70
N SER B 76 8.88 -34.56 14.75
CA SER B 76 8.31 -35.27 13.61
C SER B 76 8.11 -34.34 12.40
N MET B 77 7.54 -33.16 12.64
CA MET B 77 7.30 -32.17 11.58
C MET B 77 8.60 -31.72 10.93
N LYS B 78 9.64 -31.53 11.74
CA LYS B 78 10.94 -31.14 11.21
C LYS B 78 11.43 -32.21 10.24
N ARG B 79 11.28 -33.49 10.62
CA ARG B 79 11.70 -34.59 9.75
C ARG B 79 10.87 -34.51 8.46
N PHE B 80 9.58 -34.24 8.63
CA PHE B 80 8.68 -34.12 7.50
C PHE B 80 9.15 -32.99 6.57
N HIS B 81 9.42 -31.82 7.14
CA HIS B 81 9.84 -30.67 6.35
C HIS B 81 11.23 -30.82 5.73
N LYS B 82 12.09 -31.61 6.37
CA LYS B 82 13.45 -31.84 5.86
C LYS B 82 13.34 -32.45 4.48
N ARG B 83 12.32 -33.27 4.28
CA ARG B 83 12.09 -33.89 2.98
C ARG B 83 10.68 -33.51 2.53
N SER B 84 10.36 -32.23 2.69
CA SER B 84 9.03 -31.72 2.33
C SER B 84 8.62 -31.99 0.88
N PRO B 85 7.37 -32.43 0.69
CA PRO B 85 6.78 -32.74 -0.61
C PRO B 85 6.05 -31.53 -1.16
N TYR B 86 6.10 -30.43 -0.42
CA TYR B 86 5.42 -29.20 -0.83
C TYR B 86 6.39 -28.11 -1.22
N ARG B 87 5.85 -27.06 -1.82
CA ARG B 87 6.62 -25.89 -2.18
C ARG B 87 5.72 -24.74 -1.74
N VAL B 88 6.33 -23.69 -1.20
CA VAL B 88 5.57 -22.55 -0.73
C VAL B 88 5.81 -21.29 -1.54
N THR B 89 4.73 -20.56 -1.81
CA THR B 89 4.80 -19.31 -2.57
C THR B 89 4.19 -18.17 -1.76
N MET B 90 4.38 -16.94 -2.24
CA MET B 90 3.82 -15.78 -1.58
C MET B 90 3.03 -14.93 -2.56
N ASN B 91 1.79 -14.59 -2.17
CA ASN B 91 0.87 -13.78 -2.98
C ASN B 91 0.69 -14.25 -4.43
N TYR B 92 0.65 -15.56 -4.63
CA TYR B 92 0.48 -16.14 -5.97
C TYR B 92 -0.99 -16.40 -6.27
N ALA B 93 -1.75 -16.77 -5.24
CA ALA B 93 -3.16 -17.08 -5.42
C ALA B 93 -3.99 -16.73 -4.18
N PHE B 94 -4.10 -15.44 -3.88
CA PHE B 94 -4.86 -14.98 -2.73
C PHE B 94 -6.31 -15.45 -2.74
N GLY B 95 -6.96 -15.32 -3.89
CA GLY B 95 -8.34 -15.74 -4.01
C GLY B 95 -8.56 -17.18 -3.63
N GLN B 96 -7.68 -18.06 -4.13
CA GLN B 96 -7.78 -19.48 -3.82
C GLN B 96 -7.53 -19.76 -2.34
N VAL B 97 -6.57 -19.06 -1.75
CA VAL B 97 -6.24 -19.27 -0.33
C VAL B 97 -7.39 -18.87 0.60
N ILE B 98 -7.93 -17.68 0.39
CA ILE B 98 -9.04 -17.22 1.23
C ILE B 98 -10.26 -18.08 0.94
N GLU B 99 -10.41 -18.52 -0.31
CA GLU B 99 -11.56 -19.36 -0.64
C GLU B 99 -11.30 -20.71 0.00
N GLY B 100 -10.03 -21.03 0.20
CA GLY B 100 -9.67 -22.28 0.84
C GLY B 100 -10.07 -22.26 2.30
N CYS B 101 -9.80 -21.14 2.95
CA CYS B 101 -10.15 -20.99 4.35
C CYS B 101 -11.67 -20.95 4.53
N ALA B 102 -12.37 -20.37 3.55
CA ALA B 102 -13.83 -20.27 3.60
C ALA B 102 -14.48 -21.64 3.49
N SER B 103 -14.04 -22.41 2.51
CA SER B 103 -14.59 -23.74 2.30
C SER B 103 -13.96 -24.76 3.23
N ASP B 104 -14.63 -25.01 4.35
CA ASP B 104 -14.15 -25.99 5.33
C ASP B 104 -15.23 -26.20 6.39
N ARG B 105 -16.22 -25.32 6.39
CA ARG B 105 -17.33 -25.39 7.35
C ARG B 105 -16.86 -25.57 8.79
N GLU B 106 -16.23 -24.53 9.33
CA GLU B 106 -15.75 -24.54 10.71
C GLU B 106 -15.69 -23.10 11.20
N GLU B 107 -14.49 -22.59 11.45
CA GLU B 107 -14.34 -21.21 11.90
C GLU B 107 -14.46 -20.31 10.67
N GLY B 108 -14.11 -20.86 9.50
CA GLY B 108 -14.17 -20.12 8.26
C GLY B 108 -15.55 -19.91 7.67
N THR B 109 -16.58 -20.40 8.35
CA THR B 109 -17.94 -20.24 7.87
C THR B 109 -18.34 -18.77 7.90
N TRP B 110 -17.60 -17.96 8.64
CA TRP B 110 -17.91 -16.54 8.72
C TRP B 110 -17.44 -15.84 7.44
N ILE B 111 -16.52 -16.48 6.72
CA ILE B 111 -16.01 -15.91 5.48
C ILE B 111 -17.05 -15.99 4.39
N THR B 112 -17.87 -14.94 4.25
CA THR B 112 -18.89 -14.91 3.21
C THR B 112 -18.35 -14.19 1.98
N ARG B 113 -19.11 -14.22 0.89
CA ARG B 113 -18.66 -13.56 -0.33
C ARG B 113 -18.30 -12.12 -0.03
N GLY B 114 -19.08 -11.50 0.85
CA GLY B 114 -18.82 -10.12 1.22
C GLY B 114 -17.44 -9.97 1.84
N VAL B 115 -17.11 -10.91 2.75
CA VAL B 115 -15.80 -10.88 3.41
C VAL B 115 -14.70 -11.13 2.38
N VAL B 116 -14.88 -12.15 1.54
CA VAL B 116 -13.90 -12.47 0.51
C VAL B 116 -13.61 -11.26 -0.38
N GLU B 117 -14.65 -10.61 -0.87
CA GLU B 117 -14.46 -9.46 -1.73
C GLU B 117 -13.67 -8.37 -1.01
N ALA B 118 -14.05 -8.08 0.23
CA ALA B 118 -13.39 -7.06 1.03
C ALA B 118 -11.88 -7.31 1.17
N TYR B 119 -11.51 -8.51 1.59
CA TYR B 119 -10.09 -8.80 1.74
C TYR B 119 -9.34 -8.93 0.43
N HIS B 120 -10.04 -9.26 -0.65
CA HIS B 120 -9.36 -9.38 -1.94
C HIS B 120 -8.98 -7.97 -2.37
N ARG B 121 -9.74 -6.98 -1.91
CA ARG B 121 -9.46 -5.58 -2.22
C ARG B 121 -8.20 -5.14 -1.50
N LEU B 122 -8.08 -5.55 -0.23
CA LEU B 122 -6.90 -5.19 0.53
C LEU B 122 -5.68 -5.85 -0.09
N HIS B 123 -5.87 -7.06 -0.61
CA HIS B 123 -4.77 -7.76 -1.25
C HIS B 123 -4.42 -7.03 -2.52
N GLU B 124 -5.43 -6.56 -3.25
CA GLU B 124 -5.16 -5.82 -4.49
C GLU B 124 -4.53 -4.46 -4.18
N LEU B 125 -4.90 -3.85 -3.06
CA LEU B 125 -4.31 -2.58 -2.67
C LEU B 125 -2.95 -2.79 -2.00
N GLY B 126 -2.58 -4.06 -1.79
CA GLY B 126 -1.28 -4.38 -1.21
C GLY B 126 -1.11 -4.47 0.29
N HIS B 127 -2.20 -4.68 1.02
CA HIS B 127 -2.12 -4.78 2.48
C HIS B 127 -2.42 -6.18 3.01
N ALA B 128 -3.15 -6.98 2.23
CA ALA B 128 -3.49 -8.35 2.65
C ALA B 128 -2.64 -9.29 1.83
N HIS B 129 -2.11 -10.31 2.47
CA HIS B 129 -1.21 -11.23 1.79
C HIS B 129 -1.51 -12.68 2.07
N SER B 130 -1.05 -13.53 1.14
CA SER B 130 -1.29 -14.95 1.28
C SER B 130 -0.05 -15.78 1.00
N ILE B 131 0.09 -16.86 1.77
CA ILE B 131 1.18 -17.81 1.62
C ILE B 131 0.49 -19.07 1.10
N GLU B 132 0.96 -19.57 -0.04
CA GLU B 132 0.36 -20.78 -0.66
C GLU B 132 1.23 -22.04 -0.59
N VAL B 133 0.61 -23.17 -0.27
CA VAL B 133 1.32 -24.44 -0.22
C VAL B 133 0.90 -25.31 -1.40
N TRP B 134 1.89 -25.77 -2.17
CA TRP B 134 1.60 -26.57 -3.34
C TRP B 134 2.11 -27.99 -3.30
N ARG B 135 1.25 -28.93 -3.71
CA ARG B 135 1.63 -30.31 -3.82
C ARG B 135 1.45 -30.54 -5.31
N GLU B 136 2.58 -30.57 -6.02
CA GLU B 136 2.56 -30.73 -7.48
C GLU B 136 1.98 -29.41 -7.97
N ASP B 137 0.92 -29.45 -8.77
CA ASP B 137 0.33 -28.21 -9.28
C ASP B 137 -0.88 -27.77 -8.47
N GLU B 138 -1.27 -28.57 -7.48
CA GLU B 138 -2.43 -28.23 -6.68
C GLU B 138 -2.19 -27.52 -5.34
N LEU B 139 -3.07 -26.57 -5.04
CA LEU B 139 -3.00 -25.82 -3.79
C LEU B 139 -3.60 -26.74 -2.76
N VAL B 140 -2.83 -27.12 -1.75
CA VAL B 140 -3.32 -28.01 -0.71
C VAL B 140 -3.30 -27.36 0.66
N GLY B 141 -3.05 -26.05 0.67
CA GLY B 141 -3.04 -25.32 1.93
C GLY B 141 -2.42 -23.93 1.82
N GLY B 142 -2.44 -23.21 2.94
CA GLY B 142 -1.88 -21.88 2.99
C GLY B 142 -2.53 -21.03 4.06
N MET B 143 -2.18 -19.74 4.06
CA MET B 143 -2.77 -18.80 5.00
C MET B 143 -2.73 -17.38 4.43
N TYR B 144 -3.48 -16.48 5.05
CA TYR B 144 -3.52 -15.10 4.61
C TYR B 144 -3.76 -14.16 5.80
N GLY B 145 -3.34 -12.90 5.65
CA GLY B 145 -3.54 -11.96 6.73
C GLY B 145 -3.26 -10.55 6.29
N VAL B 146 -3.41 -9.61 7.21
CA VAL B 146 -3.16 -8.21 6.87
C VAL B 146 -1.85 -7.74 7.47
N ALA B 147 -0.99 -7.12 6.65
CA ALA B 147 0.30 -6.63 7.13
C ALA B 147 0.11 -5.28 7.83
N GLN B 148 0.90 -5.08 8.88
CA GLN B 148 0.85 -3.88 9.69
C GLN B 148 2.30 -3.59 10.05
N GLY B 149 3.09 -3.20 9.07
CA GLY B 149 4.48 -2.90 9.33
C GLY B 149 5.32 -4.16 9.47
N THR B 150 5.87 -4.36 10.66
CA THR B 150 6.70 -5.52 10.96
C THR B 150 5.83 -6.48 11.74
N LEU B 151 4.55 -6.13 11.86
CA LEU B 151 3.58 -6.95 12.56
C LEU B 151 2.65 -7.58 11.53
N PHE B 152 2.36 -8.87 11.68
CA PHE B 152 1.49 -9.53 10.73
C PHE B 152 0.23 -10.09 11.39
N CYS B 153 -0.93 -9.68 10.89
CA CYS B 153 -2.18 -10.16 11.43
C CYS B 153 -2.61 -11.38 10.64
N GLY B 154 -2.48 -12.55 11.25
CA GLY B 154 -2.89 -13.78 10.59
C GLY B 154 -4.38 -13.95 10.71
N GLU B 155 -5.10 -13.81 9.60
CA GLU B 155 -6.54 -13.95 9.61
C GLU B 155 -6.95 -15.41 9.71
N SER B 156 -6.37 -16.25 8.86
CA SER B 156 -6.75 -17.65 8.87
C SER B 156 -5.79 -18.51 8.05
N MET B 157 -5.92 -19.83 8.20
CA MET B 157 -5.13 -20.78 7.44
C MET B 157 -6.00 -22.02 7.19
N PHE B 158 -5.66 -22.81 6.19
CA PHE B 158 -6.44 -24.00 5.88
C PHE B 158 -5.51 -25.09 5.35
N SER B 159 -5.96 -26.33 5.42
CA SER B 159 -5.15 -27.46 4.97
C SER B 159 -6.01 -28.54 4.32
N ARG B 160 -5.57 -29.03 3.15
CA ARG B 160 -6.28 -30.09 2.44
C ARG B 160 -5.38 -31.31 2.30
N MET B 161 -4.21 -31.22 2.93
CA MET B 161 -3.23 -32.30 2.93
C MET B 161 -2.39 -32.20 4.19
N GLU B 162 -2.10 -33.34 4.79
CA GLU B 162 -1.34 -33.41 6.03
C GLU B 162 -0.11 -32.51 6.09
N ASN B 163 -0.03 -31.72 7.16
CA ASN B 163 1.09 -30.82 7.39
C ASN B 163 1.23 -29.63 6.46
N ALA B 164 0.24 -29.38 5.62
CA ALA B 164 0.27 -28.23 4.71
C ALA B 164 0.31 -26.92 5.54
N SER B 165 -0.68 -26.73 6.41
CA SER B 165 -0.74 -25.54 7.27
C SER B 165 0.60 -25.26 7.94
N LYS B 166 1.03 -26.19 8.80
CA LYS B 166 2.29 -26.05 9.51
C LYS B 166 3.40 -25.60 8.58
N THR B 167 3.41 -26.15 7.36
CA THR B 167 4.43 -25.80 6.37
C THR B 167 4.39 -24.30 6.04
N ALA B 168 3.22 -23.81 5.63
CA ALA B 168 3.07 -22.40 5.31
C ALA B 168 3.54 -21.54 6.48
N LEU B 169 3.11 -21.91 7.68
CA LEU B 169 3.47 -21.17 8.88
C LEU B 169 4.95 -21.30 9.27
N LEU B 170 5.53 -22.46 8.98
CA LEU B 170 6.94 -22.70 9.30
C LEU B 170 7.81 -21.82 8.40
N VAL B 171 7.62 -21.97 7.09
CA VAL B 171 8.40 -21.21 6.13
C VAL B 171 8.17 -19.70 6.24
N PHE B 172 6.91 -19.29 6.37
CA PHE B 172 6.61 -17.88 6.50
C PHE B 172 7.40 -17.26 7.65
N CYS B 173 7.37 -17.92 8.80
CA CYS B 173 8.09 -17.43 9.97
C CYS B 173 9.59 -17.29 9.71
N GLU B 174 10.17 -18.23 8.96
CA GLU B 174 11.59 -18.15 8.70
C GLU B 174 11.84 -16.92 7.86
N GLU B 175 11.04 -16.77 6.80
CA GLU B 175 11.14 -15.63 5.91
C GLU B 175 10.92 -14.32 6.67
N PHE B 176 9.84 -14.29 7.46
CA PHE B 176 9.47 -13.14 8.27
C PHE B 176 10.61 -12.63 9.18
N ILE B 177 11.03 -13.44 10.14
CA ILE B 177 12.10 -13.05 11.06
C ILE B 177 13.40 -12.74 10.34
N GLY B 178 13.67 -13.48 9.27
CA GLY B 178 14.88 -13.30 8.51
C GLY B 178 14.99 -11.92 7.90
N HIS B 179 13.84 -11.26 7.73
CA HIS B 179 13.82 -9.93 7.13
C HIS B 179 13.23 -8.80 7.97
N GLY B 180 13.20 -8.99 9.28
CA GLY B 180 12.69 -7.92 10.12
C GLY B 180 11.41 -8.16 10.87
N GLY B 181 10.60 -9.13 10.42
CA GLY B 181 9.34 -9.39 11.11
C GLY B 181 9.50 -9.52 12.61
N LYS B 182 8.54 -9.03 13.37
CA LYS B 182 8.61 -9.11 14.82
C LYS B 182 7.43 -9.78 15.50
N LEU B 183 6.25 -9.74 14.87
CA LEU B 183 5.10 -10.33 15.53
C LEU B 183 3.97 -10.78 14.63
N ILE B 184 3.27 -11.82 15.08
CA ILE B 184 2.13 -12.35 14.36
C ILE B 184 0.92 -12.28 15.30
N ASP B 185 -0.15 -11.65 14.83
CA ASP B 185 -1.35 -11.54 15.62
C ASP B 185 -2.26 -12.72 15.28
N CYS B 186 -2.67 -13.46 16.32
CA CYS B 186 -3.54 -14.60 16.13
C CYS B 186 -4.94 -14.31 16.65
N GLN B 187 -5.13 -13.10 17.19
CA GLN B 187 -6.42 -12.65 17.71
C GLN B 187 -6.93 -13.41 18.94
N VAL B 188 -7.43 -14.61 18.73
CA VAL B 188 -7.95 -15.41 19.84
C VAL B 188 -7.33 -16.80 19.93
N LEU B 189 -6.68 -17.06 21.05
CA LEU B 189 -6.00 -18.32 21.30
C LEU B 189 -6.93 -19.54 21.26
N ASN B 190 -6.53 -20.55 20.49
CA ASN B 190 -7.29 -21.79 20.39
C ASN B 190 -6.32 -22.97 20.47
N ASP B 191 -6.85 -24.18 20.59
CA ASP B 191 -6.01 -25.38 20.71
C ASP B 191 -4.88 -25.52 19.71
N HIS B 192 -5.22 -25.51 18.42
CA HIS B 192 -4.21 -25.66 17.35
C HIS B 192 -3.20 -24.51 17.38
N THR B 193 -3.72 -23.29 17.47
CA THR B 193 -2.86 -22.12 17.49
C THR B 193 -1.94 -22.15 18.72
N ALA B 194 -2.47 -22.64 19.84
CA ALA B 194 -1.71 -22.73 21.09
C ALA B 194 -0.63 -23.81 20.99
N SER B 195 -0.96 -24.90 20.31
CA SER B 195 -0.01 -25.99 20.13
C SER B 195 1.15 -25.56 19.23
N LEU B 196 0.98 -24.43 18.55
CA LEU B 196 2.02 -23.93 17.65
C LEU B 196 2.93 -22.88 18.28
N GLY B 197 2.61 -22.48 19.51
CA GLY B 197 3.44 -21.49 20.18
C GLY B 197 2.76 -20.17 20.46
N ALA B 198 1.49 -20.05 20.05
CA ALA B 198 0.76 -18.81 20.27
C ALA B 198 0.55 -18.67 21.77
N CYS B 199 0.69 -17.44 22.27
CA CYS B 199 0.50 -17.17 23.68
C CYS B 199 -0.32 -15.90 23.83
N GLU B 200 -0.96 -15.75 24.98
CA GLU B 200 -1.77 -14.57 25.24
C GLU B 200 -1.00 -13.47 25.93
N ILE B 201 -1.36 -12.23 25.61
CA ILE B 201 -0.75 -11.05 26.24
C ILE B 201 -1.84 -10.02 26.44
N PRO B 202 -1.70 -9.13 27.45
CA PRO B 202 -2.72 -8.11 27.68
C PRO B 202 -2.95 -7.26 26.43
N ARG B 203 -4.22 -6.90 26.20
CA ARG B 203 -4.57 -6.08 25.04
C ARG B 203 -3.71 -4.81 24.98
N ARG B 204 -3.60 -4.13 26.11
CA ARG B 204 -2.84 -2.90 26.21
C ARG B 204 -1.41 -3.07 25.71
N ASP B 205 -0.84 -4.25 25.93
CA ASP B 205 0.52 -4.51 25.47
C ASP B 205 0.49 -4.74 23.97
N TYR B 206 -0.55 -5.43 23.50
CA TYR B 206 -0.68 -5.68 22.06
C TYR B 206 -0.75 -4.35 21.32
N LEU B 207 -1.52 -3.41 21.87
CA LEU B 207 -1.64 -2.10 21.24
C LEU B 207 -0.29 -1.39 21.22
N ASN B 208 0.47 -1.50 22.31
CA ASN B 208 1.80 -0.88 22.36
C ASN B 208 2.60 -1.36 21.17
N TYR B 209 2.72 -2.67 21.08
CA TYR B 209 3.47 -3.30 20.00
C TYR B 209 2.98 -2.85 18.63
N LEU B 210 1.66 -2.87 18.44
CA LEU B 210 1.07 -2.49 17.17
C LEU B 210 1.44 -1.10 16.64
N ASN B 211 1.19 -0.04 17.41
CA ASN B 211 1.52 1.28 16.90
C ASN B 211 3.03 1.49 16.89
N GLN B 212 3.73 0.50 17.42
CA GLN B 212 5.19 0.54 17.46
C GLN B 212 5.72 -0.13 16.19
N MET B 213 5.10 -1.23 15.78
CA MET B 213 5.53 -1.98 14.60
C MET B 213 4.87 -1.60 13.27
N ARG B 214 3.73 -0.91 13.32
CA ARG B 214 3.06 -0.55 12.09
C ARG B 214 3.83 0.51 11.28
N LEU B 215 4.72 1.26 11.92
CA LEU B 215 5.50 2.27 11.21
C LEU B 215 6.88 1.77 10.80
N GLY B 216 7.13 0.50 11.11
CA GLY B 216 8.38 -0.11 10.73
C GLY B 216 8.21 -0.63 9.32
N ARG B 217 9.21 -1.30 8.79
CA ARG B 217 9.08 -1.82 7.44
C ARG B 217 10.00 -3.00 7.18
N LEU B 218 9.69 -3.73 6.11
CA LEU B 218 10.45 -4.89 5.66
C LEU B 218 10.99 -4.51 4.29
N PRO B 219 11.91 -5.31 3.73
CA PRO B 219 12.45 -4.96 2.41
C PRO B 219 11.32 -4.60 1.45
N ASN B 220 11.59 -3.67 0.54
CA ASN B 220 10.59 -3.24 -0.43
C ASN B 220 9.94 -4.37 -1.20
N ASN B 221 10.69 -5.45 -1.41
CA ASN B 221 10.17 -6.57 -2.16
C ASN B 221 9.71 -7.75 -1.31
N PHE B 222 9.62 -7.56 0.00
CA PHE B 222 9.19 -8.66 0.85
C PHE B 222 7.82 -9.24 0.49
N TRP B 223 6.90 -8.39 0.05
CA TRP B 223 5.57 -8.87 -0.30
C TRP B 223 5.33 -9.08 -1.79
N VAL B 224 6.39 -8.96 -2.58
CA VAL B 224 6.26 -9.17 -4.02
C VAL B 224 5.97 -10.66 -4.23
N PRO B 225 5.01 -10.98 -5.12
CA PRO B 225 4.73 -12.41 -5.34
C PRO B 225 6.00 -13.14 -5.75
N ARG B 226 6.27 -14.27 -5.08
CA ARG B 226 7.45 -15.06 -5.39
C ARG B 226 7.43 -16.45 -4.74
N CYS B 227 8.49 -17.22 -4.97
CA CYS B 227 8.61 -18.55 -4.41
C CYS B 227 9.36 -18.40 -3.09
N LEU B 228 8.93 -19.11 -2.06
CA LEU B 228 9.58 -19.02 -0.74
C LEU B 228 10.33 -20.29 -0.34
N PHE B 229 9.80 -21.43 -0.74
CA PHE B 229 10.42 -22.70 -0.41
C PHE B 229 10.21 -23.71 -1.52
N SER B 230 11.32 -24.19 -2.05
CA SER B 230 11.30 -25.18 -3.12
C SER B 230 12.60 -25.96 -3.09
N PRO B 231 12.53 -27.24 -2.72
CA PRO B 231 13.71 -28.11 -2.66
C PRO B 231 14.43 -28.24 -4.00
N LEU C . 2.20 16.76 -12.78
CA LEU C . 1.27 16.92 -11.62
C LEU C . 0.01 17.70 -12.02
O LEU C . -1.10 17.28 -11.58
CB LEU C . 1.96 17.66 -10.47
CG LEU C . 1.04 17.92 -9.26
CD1 LEU C . 0.65 16.59 -8.63
CD2 LEU C . 1.75 18.80 -8.22
OXT LEU C . 0.13 18.72 -12.73
O1 TAR D . -9.46 19.91 -4.79
O11 TAR D . -8.34 21.77 -5.08
C1 TAR D . -9.24 20.88 -5.47
C2 TAR D . -10.01 21.08 -6.77
O2 TAR D . -10.90 20.00 -6.97
C3 TAR D . -10.82 22.37 -6.74
O3 TAR D . -11.76 22.33 -5.66
C4 TAR D . -11.56 22.52 -8.07
O4 TAR D . -12.76 22.57 -8.08
O41 TAR D . -10.88 22.58 -9.21
N LEU E . -5.64 -16.53 13.58
CA LEU E . -5.48 -17.49 12.45
C LEU E . -5.78 -18.94 12.88
O LEU E . -6.21 -19.12 14.04
CB LEU E . -4.05 -17.41 11.87
CG LEU E . -2.86 -18.00 12.65
CD1 LEU E . -1.55 -17.59 12.01
CD2 LEU E . -2.90 -17.53 14.08
OXT LEU E . -5.61 -19.85 12.04
O1 TAR F . -1.57 -28.73 7.84
O11 TAR F . -0.53 -28.87 9.77
C1 TAR F . -1.63 -28.98 9.02
C2 TAR F . -2.94 -29.39 9.64
O2 TAR F . -3.96 -29.41 8.64
C3 TAR F . -2.84 -30.80 10.25
O3 TAR F . -2.48 -31.73 9.23
C4 TAR F . -4.18 -31.17 10.85
O4 TAR F . -4.77 -32.15 10.45
O41 TAR F . -4.71 -30.43 11.83
#